data_2X7N
#
_entry.id   2X7N
#
_cell.length_a   1.000
_cell.length_b   1.000
_cell.length_c   1.000
_cell.angle_alpha   90.00
_cell.angle_beta   90.00
_cell.angle_gamma   90.00
#
_symmetry.space_group_name_H-M   'P 1'
#
loop_
_entity.id
_entity.type
_entity.pdbx_description
1 polymer 'SARCIN-RICIN LOOP'
2 polymer 'EUKARYOTIC TRANSLATION INITIATION FACTOR 6'
3 polymer '60S RIBOSOMAL PROTEIN L23'
4 polymer '60S RIBOSOMAL PROTEIN L24-A'
#
loop_
_entity_poly.entity_id
_entity_poly.type
_entity_poly.pdbx_seq_one_letter_code
_entity_poly.pdbx_strand_id
1 'polyribonucleotide' ACCGUAUAGUACGAGAGGAACUACGGUU A
2 'polypeptide(L)'
;MATRTQFENSNEIGVFSKLTNTYCLVAVGGSENFYSAFEAELGDAIPIVHTTIAGTRIIGRMTAGNRRGLLVPTQTTDQE
LQHLRNSLPDSVKIQRVEERLSALGNVICCNDYVALVHPDIDRETEELISDVLGVEVFRQTISGNILVGSYCSLSNQGGL
VHPQTSVQDQEELSSLLQVPLVAGTVNRGSSVVGAGMVVNDYLAVTGLDTTAPELSVIESIFRL
;
B
3 'polypeptide(L)'
;AQGTKFRISLGLPVGAIMNCADNSGARNLYIIAVKGSGSRLNRLPAASLGDMVMATVKKGKPELRKKVMPAIVVRQAKSW
RRRDGVFLYFEDNAGVIANPKGEMKGSAITGPVGKECADLWPRVASNSGVVV
;
C
4 'polypeptide(L)' MKVEIDSFSGAKIYPGRGTLFVRGDSKIFRFQNSKSASLFKQRKNPRRIAWTVLFR D
#
# COMPACT_ATOMS: atom_id res chain seq x y z
N MET B 1 10.06 -0.50 -24.92
CA MET B 1 11.35 -0.75 -24.20
C MET B 1 11.23 -0.69 -22.67
N ALA B 2 12.38 -0.74 -22.00
CA ALA B 2 12.45 -0.68 -20.55
C ALA B 2 13.22 0.56 -20.13
N THR B 3 12.63 1.37 -19.25
CA THR B 3 13.28 2.58 -18.77
C THR B 3 13.43 2.59 -17.25
N ARG B 4 14.23 3.53 -16.77
CA ARG B 4 14.44 3.70 -15.35
C ARG B 4 14.00 5.10 -14.94
N THR B 5 13.53 5.23 -13.71
CA THR B 5 13.12 6.52 -13.18
C THR B 5 13.00 6.38 -11.68
N GLN B 6 12.55 7.45 -11.03
CA GLN B 6 12.37 7.49 -9.61
C GLN B 6 11.24 8.44 -9.26
N PHE B 7 10.55 8.16 -8.15
CA PHE B 7 9.51 9.04 -7.67
C PHE B 7 10.30 9.67 -6.53
N GLU B 8 10.68 10.94 -6.71
CA GLU B 8 11.52 11.63 -5.74
C GLU B 8 12.82 10.84 -5.84
N ASN B 9 13.28 10.24 -4.75
CA ASN B 9 14.50 9.46 -4.81
C ASN B 9 14.23 7.98 -4.58
N SER B 10 12.96 7.59 -4.76
CA SER B 10 12.52 6.21 -4.60
C SER B 10 12.53 5.45 -5.94
N ASN B 11 13.05 4.23 -5.91
CA ASN B 11 13.12 3.37 -7.09
C ASN B 11 11.90 2.49 -7.23
N GLU B 12 11.07 2.45 -6.18
CA GLU B 12 9.89 1.59 -6.20
C GLU B 12 8.75 2.18 -6.99
N ILE B 13 8.89 2.08 -8.31
CA ILE B 13 7.92 2.61 -9.25
C ILE B 13 6.55 1.98 -9.05
N GLY B 14 6.56 0.67 -8.78
CA GLY B 14 5.33 -0.06 -8.55
C GLY B 14 4.50 0.47 -7.40
N VAL B 15 5.12 1.25 -6.51
CA VAL B 15 4.39 1.81 -5.39
C VAL B 15 3.59 3.05 -5.80
N PHE B 16 4.13 3.84 -6.73
CA PHE B 16 3.47 5.07 -7.18
C PHE B 16 2.82 5.03 -8.56
N SER B 17 2.79 3.86 -9.18
CA SER B 17 2.17 3.75 -10.49
C SER B 17 1.58 2.38 -10.73
N LYS B 18 0.60 2.33 -11.62
CA LYS B 18 -0.10 1.12 -12.00
C LYS B 18 -0.21 1.15 -13.52
N LEU B 19 0.35 0.12 -14.17
CA LEU B 19 0.34 0.06 -15.62
C LEU B 19 -0.34 -1.20 -16.15
N THR B 20 -1.21 -1.02 -17.14
CA THR B 20 -1.88 -2.17 -17.76
C THR B 20 -1.71 -1.95 -19.26
N ASN B 21 -2.34 -2.81 -20.05
CA ASN B 21 -2.24 -2.69 -21.50
C ASN B 21 -3.17 -1.62 -22.06
N THR B 22 -4.16 -1.21 -21.28
CA THR B 22 -5.11 -0.20 -21.73
C THR B 22 -5.10 1.12 -20.95
N TYR B 23 -4.30 1.19 -19.89
CA TYR B 23 -4.25 2.43 -19.11
C TYR B 23 -3.08 2.48 -18.13
N CYS B 24 -2.76 3.70 -17.70
CA CYS B 24 -1.69 3.93 -16.74
C CYS B 24 -2.11 4.91 -15.67
N LEU B 25 -1.93 4.52 -14.41
CA LEU B 25 -2.26 5.38 -13.29
C LEU B 25 -0.97 5.83 -12.63
N VAL B 26 -0.87 7.13 -12.35
CA VAL B 26 0.31 7.66 -11.70
C VAL B 26 -0.09 8.55 -10.53
N ALA B 27 0.76 8.63 -9.51
CA ALA B 27 0.48 9.46 -8.36
C ALA B 27 0.35 10.94 -8.81
N VAL B 28 -0.58 11.65 -8.18
CA VAL B 28 -0.86 13.05 -8.49
C VAL B 28 0.28 14.05 -8.33
N GLY B 29 1.14 13.86 -7.33
CA GLY B 29 2.21 14.81 -7.13
C GLY B 29 3.61 14.40 -7.55
N GLY B 30 3.74 13.87 -8.76
CA GLY B 30 5.06 13.46 -9.23
C GLY B 30 5.76 14.58 -9.97
N SER B 31 7.03 14.36 -10.30
CA SER B 31 7.81 15.34 -11.04
C SER B 31 7.78 15.03 -12.53
N GLU B 32 8.26 15.95 -13.34
CA GLU B 32 8.28 15.76 -14.79
C GLU B 32 9.14 14.56 -15.19
N ASN B 33 10.29 14.40 -14.54
CA ASN B 33 11.19 13.30 -14.85
C ASN B 33 10.47 11.96 -14.65
N PHE B 34 9.60 11.90 -13.63
CA PHE B 34 8.85 10.69 -13.34
C PHE B 34 7.74 10.46 -14.36
N TYR B 35 6.91 11.48 -14.59
CA TYR B 35 5.81 11.38 -15.55
C TYR B 35 6.30 11.08 -16.96
N SER B 36 7.36 11.77 -17.37
CA SER B 36 7.93 11.59 -18.70
C SER B 36 8.26 10.13 -18.98
N ALA B 37 8.80 9.45 -17.97
CA ALA B 37 9.16 8.05 -18.11
C ALA B 37 8.05 7.27 -18.79
N PHE B 38 6.82 7.71 -18.59
CA PHE B 38 5.68 7.05 -19.19
C PHE B 38 5.24 7.81 -20.42
N GLU B 39 4.98 9.10 -20.27
CA GLU B 39 4.55 9.92 -21.40
C GLU B 39 5.44 9.73 -22.62
N ALA B 40 6.75 9.67 -22.40
CA ALA B 40 7.71 9.54 -23.48
C ALA B 40 7.57 8.27 -24.33
N GLU B 41 7.08 7.18 -23.74
CA GLU B 41 6.93 5.96 -24.53
C GLU B 41 5.51 5.44 -24.66
N LEU B 42 4.56 6.11 -24.01
CA LEU B 42 3.15 5.73 -24.09
C LEU B 42 2.48 6.75 -24.98
N GLY B 43 3.09 7.94 -25.05
CA GLY B 43 2.54 9.01 -25.87
C GLY B 43 1.03 9.11 -25.75
N ASP B 44 0.37 9.33 -26.88
CA ASP B 44 -1.08 9.43 -26.92
C ASP B 44 -1.71 8.05 -27.08
N ALA B 45 -0.89 7.01 -26.87
CA ALA B 45 -1.34 5.62 -27.00
C ALA B 45 -2.42 5.22 -26.00
N ILE B 46 -2.11 5.32 -24.71
CA ILE B 46 -3.08 4.97 -23.67
C ILE B 46 -3.18 6.09 -22.62
N PRO B 47 -4.34 6.23 -21.99
CA PRO B 47 -4.59 7.24 -20.97
C PRO B 47 -3.62 7.16 -19.79
N ILE B 48 -3.08 8.31 -19.38
CA ILE B 48 -2.18 8.38 -18.23
C ILE B 48 -2.93 9.20 -17.19
N VAL B 49 -3.64 8.50 -16.31
CA VAL B 49 -4.47 9.13 -15.29
C VAL B 49 -3.78 9.43 -13.95
N HIS B 50 -3.69 10.72 -13.61
CA HIS B 50 -3.10 11.11 -12.35
C HIS B 50 -4.18 10.88 -11.30
N THR B 51 -3.81 10.42 -10.12
CA THR B 51 -4.82 10.17 -9.12
C THR B 51 -4.28 9.90 -7.73
N THR B 52 -5.20 9.86 -6.79
CA THR B 52 -4.92 9.54 -5.40
C THR B 52 -5.94 8.44 -5.12
N ILE B 53 -5.63 7.60 -4.14
CA ILE B 53 -6.53 6.51 -3.75
C ILE B 53 -6.65 6.60 -2.24
N ALA B 54 -7.86 6.84 -1.76
CA ALA B 54 -8.14 6.97 -0.33
C ALA B 54 -7.34 8.14 0.22
N GLY B 55 -7.03 9.10 -0.65
CA GLY B 55 -6.28 10.28 -0.25
C GLY B 55 -4.77 10.13 -0.28
N THR B 56 -4.29 8.91 -0.49
CA THR B 56 -2.85 8.66 -0.52
C THR B 56 -2.29 8.70 -1.94
N ARG B 57 -0.97 8.76 -2.06
CA ARG B 57 -0.35 8.78 -3.38
C ARG B 57 0.38 7.48 -3.75
N ILE B 58 0.27 6.47 -2.88
CA ILE B 58 0.89 5.18 -3.14
C ILE B 58 -0.11 4.33 -3.93
N ILE B 59 -0.67 4.92 -4.98
CA ILE B 59 -1.68 4.28 -5.83
C ILE B 59 -1.30 2.90 -6.40
N GLY B 60 0.00 2.64 -6.56
CA GLY B 60 0.42 1.35 -7.08
C GLY B 60 0.16 0.20 -6.12
N ARG B 61 0.32 0.45 -4.82
CA ARG B 61 0.09 -0.58 -3.81
C ARG B 61 -1.37 -0.61 -3.40
N MET B 62 -2.05 0.52 -3.55
CA MET B 62 -3.46 0.65 -3.15
C MET B 62 -4.46 0.09 -4.17
N THR B 63 -4.00 -0.23 -5.37
CA THR B 63 -4.91 -0.76 -6.38
C THR B 63 -4.35 -1.98 -7.08
N ALA B 64 -5.23 -2.68 -7.79
CA ALA B 64 -4.87 -3.85 -8.56
C ALA B 64 -5.81 -3.86 -9.75
N GLY B 65 -5.34 -4.39 -10.87
CA GLY B 65 -6.20 -4.41 -12.05
C GLY B 65 -5.45 -4.76 -13.32
N ASN B 66 -6.20 -4.90 -14.40
CA ASN B 66 -5.63 -5.22 -15.69
C ASN B 66 -6.41 -4.42 -16.73
N ARG B 67 -6.33 -4.83 -17.99
CA ARG B 67 -7.02 -4.13 -19.07
C ARG B 67 -8.54 -4.03 -18.92
N ARG B 68 -9.15 -5.07 -18.35
CA ARG B 68 -10.61 -5.12 -18.19
C ARG B 68 -11.16 -4.44 -16.96
N GLY B 69 -10.41 -4.44 -15.88
CA GLY B 69 -10.92 -3.81 -14.67
C GLY B 69 -9.86 -3.35 -13.69
N LEU B 70 -10.32 -2.53 -12.75
CA LEU B 70 -9.47 -1.98 -11.71
C LEU B 70 -10.19 -2.14 -10.38
N LEU B 71 -9.46 -2.62 -9.39
CA LEU B 71 -10.00 -2.83 -8.05
C LEU B 71 -9.44 -1.77 -7.12
N VAL B 72 -10.32 -1.12 -6.35
CA VAL B 72 -9.89 -0.09 -5.45
C VAL B 72 -10.45 -0.34 -4.07
N PRO B 73 -9.71 0.07 -3.02
CA PRO B 73 -10.17 -0.12 -1.64
C PRO B 73 -11.49 0.62 -1.37
N THR B 74 -12.20 0.18 -0.35
CA THR B 74 -13.47 0.80 0.02
C THR B 74 -13.29 2.29 0.26
N GLN B 75 -12.23 2.63 0.98
CA GLN B 75 -11.89 4.01 1.32
C GLN B 75 -11.61 4.94 0.14
N THR B 76 -11.76 4.44 -1.08
CA THR B 76 -11.55 5.27 -2.26
C THR B 76 -12.70 6.28 -2.19
N THR B 77 -12.39 7.57 -2.26
CA THR B 77 -13.45 8.57 -2.19
C THR B 77 -14.24 8.61 -3.50
N ASP B 78 -15.47 9.09 -3.41
CA ASP B 78 -16.35 9.18 -4.58
C ASP B 78 -15.77 10.14 -5.62
N GLN B 79 -14.97 11.10 -5.17
CA GLN B 79 -14.37 12.07 -6.08
C GLN B 79 -13.28 11.38 -6.89
N GLU B 80 -12.48 10.55 -6.23
CA GLU B 80 -11.41 9.82 -6.92
C GLU B 80 -12.03 8.81 -7.86
N LEU B 81 -13.11 8.18 -7.43
CA LEU B 81 -13.80 7.19 -8.25
C LEU B 81 -14.40 7.84 -9.51
N GLN B 82 -15.07 8.98 -9.33
CA GLN B 82 -15.66 9.69 -10.45
C GLN B 82 -14.56 10.12 -11.41
N HIS B 83 -13.45 10.59 -10.86
CA HIS B 83 -12.35 11.00 -11.71
C HIS B 83 -11.77 9.82 -12.49
N LEU B 84 -11.76 8.64 -11.87
CA LEU B 84 -11.24 7.46 -12.55
C LEU B 84 -12.19 7.02 -13.67
N ARG B 85 -13.47 6.88 -13.35
CA ARG B 85 -14.45 6.46 -14.34
C ARG B 85 -14.39 7.37 -15.57
N ASN B 86 -14.25 8.68 -15.35
CA ASN B 86 -14.19 9.62 -16.45
C ASN B 86 -12.92 9.53 -17.30
N SER B 87 -11.78 9.29 -16.67
CA SER B 87 -10.52 9.21 -17.39
C SER B 87 -10.23 7.88 -18.09
N LEU B 88 -10.57 6.78 -17.44
CA LEU B 88 -10.32 5.45 -18.00
C LEU B 88 -11.38 5.05 -19.02
N PRO B 89 -10.99 4.27 -20.04
CA PRO B 89 -11.93 3.82 -21.07
C PRO B 89 -13.13 3.10 -20.48
N ASP B 90 -14.26 3.18 -21.18
CA ASP B 90 -15.52 2.58 -20.75
C ASP B 90 -15.49 1.07 -20.57
N SER B 91 -14.63 0.40 -21.33
CA SER B 91 -14.52 -1.06 -21.27
C SER B 91 -13.92 -1.58 -19.96
N VAL B 92 -13.36 -0.70 -19.14
CA VAL B 92 -12.76 -1.12 -17.88
C VAL B 92 -13.70 -0.87 -16.70
N LYS B 93 -13.95 -1.93 -15.92
CA LYS B 93 -14.82 -1.84 -14.75
C LYS B 93 -14.02 -1.43 -13.53
N ILE B 94 -14.56 -0.51 -12.74
CA ILE B 94 -13.91 -0.04 -11.53
C ILE B 94 -14.80 -0.47 -10.39
N GLN B 95 -14.26 -1.33 -9.54
CA GLN B 95 -15.02 -1.88 -8.42
C GLN B 95 -14.29 -1.68 -7.10
N ARG B 96 -15.04 -1.33 -6.07
CA ARG B 96 -14.47 -1.18 -4.73
C ARG B 96 -14.42 -2.57 -4.15
N VAL B 97 -13.34 -2.90 -3.45
CA VAL B 97 -13.25 -4.22 -2.85
C VAL B 97 -12.98 -4.03 -1.37
N GLU B 98 -13.64 -4.84 -0.56
CA GLU B 98 -13.49 -4.79 0.87
C GLU B 98 -12.71 -5.98 1.39
N GLU B 99 -11.40 -5.80 1.53
CA GLU B 99 -10.53 -6.84 2.04
C GLU B 99 -9.50 -6.15 2.92
N ARG B 100 -9.18 -6.74 4.08
CA ARG B 100 -8.24 -6.12 4.99
C ARG B 100 -6.94 -6.87 5.23
N LEU B 101 -6.64 -7.84 4.40
CA LEU B 101 -5.41 -8.60 4.57
C LEU B 101 -4.20 -7.67 4.44
N SER B 102 -4.25 -6.81 3.41
CA SER B 102 -3.18 -5.84 3.14
C SER B 102 -3.68 -4.93 2.02
N ALA B 103 -2.80 -4.13 1.44
CA ALA B 103 -3.22 -3.25 0.35
C ALA B 103 -3.53 -4.12 -0.87
N LEU B 104 -4.57 -3.76 -1.60
CA LEU B 104 -4.94 -4.53 -2.77
C LEU B 104 -3.75 -4.91 -3.64
N GLY B 105 -2.86 -3.94 -3.90
CA GLY B 105 -1.71 -4.19 -4.73
C GLY B 105 -0.73 -5.24 -4.24
N ASN B 106 -0.80 -5.59 -2.95
CA ASN B 106 0.09 -6.60 -2.39
C ASN B 106 -0.58 -7.96 -2.36
N VAL B 107 -1.90 -7.93 -2.25
CA VAL B 107 -2.71 -9.13 -2.17
C VAL B 107 -3.01 -9.76 -3.54
N ILE B 108 -3.06 -8.92 -4.58
CA ILE B 108 -3.37 -9.39 -5.92
C ILE B 108 -2.26 -9.20 -6.94
N CYS B 109 -2.05 -10.21 -7.76
CA CYS B 109 -1.04 -10.20 -8.81
C CYS B 109 -1.70 -10.74 -10.09
N CYS B 110 -1.76 -9.91 -11.12
CA CYS B 110 -2.44 -10.38 -12.32
C CYS B 110 -1.95 -9.84 -13.64
N ASN B 111 -2.46 -10.46 -14.70
CA ASN B 111 -2.19 -10.07 -16.07
C ASN B 111 -3.60 -10.13 -16.66
N ASP B 112 -3.74 -10.21 -17.96
CA ASP B 112 -5.09 -10.24 -18.53
C ASP B 112 -5.71 -11.63 -18.57
N TYR B 113 -5.02 -12.64 -18.06
CA TYR B 113 -5.55 -14.00 -18.09
C TYR B 113 -5.68 -14.68 -16.73
N VAL B 114 -4.68 -14.51 -15.87
CA VAL B 114 -4.72 -15.15 -14.57
C VAL B 114 -4.35 -14.18 -13.45
N ALA B 115 -4.79 -14.49 -12.24
CA ALA B 115 -4.48 -13.66 -11.09
C ALA B 115 -4.21 -14.51 -9.86
N LEU B 116 -3.15 -14.17 -9.13
CA LEU B 116 -2.85 -14.91 -7.90
C LEU B 116 -3.35 -14.03 -6.76
N VAL B 117 -3.93 -14.64 -5.74
CA VAL B 117 -4.42 -13.87 -4.60
C VAL B 117 -3.86 -14.41 -3.29
N HIS B 118 -3.85 -13.53 -2.29
CA HIS B 118 -3.40 -13.85 -0.95
C HIS B 118 -4.09 -15.19 -0.64
N PRO B 119 -3.34 -16.17 -0.12
CA PRO B 119 -3.94 -17.47 0.20
C PRO B 119 -5.04 -17.50 1.26
N ASP B 120 -5.18 -16.43 2.04
CA ASP B 120 -6.20 -16.39 3.07
C ASP B 120 -7.46 -15.63 2.67
N ILE B 121 -7.52 -15.21 1.42
CA ILE B 121 -8.68 -14.48 0.93
C ILE B 121 -9.94 -15.36 1.01
N ASP B 122 -11.09 -14.72 1.25
CA ASP B 122 -12.35 -15.43 1.34
C ASP B 122 -12.90 -15.72 -0.05
N ARG B 123 -13.75 -16.73 -0.12
CA ARG B 123 -14.36 -17.14 -1.37
C ARG B 123 -15.15 -16.04 -2.06
N GLU B 124 -16.03 -15.36 -1.32
CA GLU B 124 -16.82 -14.31 -1.92
C GLU B 124 -15.93 -13.32 -2.65
N THR B 125 -14.87 -12.88 -1.98
CA THR B 125 -13.94 -11.91 -2.56
C THR B 125 -13.17 -12.45 -3.77
N GLU B 126 -12.78 -13.72 -3.69
CA GLU B 126 -12.04 -14.33 -4.79
C GLU B 126 -12.91 -14.41 -6.05
N GLU B 127 -14.22 -14.53 -5.88
CA GLU B 127 -15.12 -14.60 -7.02
C GLU B 127 -15.32 -13.21 -7.61
N LEU B 128 -15.33 -12.20 -6.74
CA LEU B 128 -15.52 -10.83 -7.16
C LEU B 128 -14.34 -10.39 -8.03
N ILE B 129 -13.15 -10.78 -7.62
CA ILE B 129 -11.92 -10.47 -8.34
C ILE B 129 -11.96 -11.11 -9.72
N SER B 130 -12.27 -12.40 -9.75
CA SER B 130 -12.36 -13.13 -11.00
C SER B 130 -13.38 -12.47 -11.91
N ASP B 131 -14.51 -12.10 -11.31
CA ASP B 131 -15.61 -11.48 -12.02
C ASP B 131 -15.20 -10.14 -12.63
N VAL B 132 -14.82 -9.17 -11.80
CA VAL B 132 -14.42 -7.85 -12.28
C VAL B 132 -13.23 -7.86 -13.23
N LEU B 133 -12.22 -8.67 -12.95
CA LEU B 133 -11.04 -8.71 -13.82
C LEU B 133 -11.23 -9.71 -14.96
N GLY B 134 -12.32 -10.47 -14.91
CA GLY B 134 -12.59 -11.46 -15.94
C GLY B 134 -11.38 -12.33 -16.12
N VAL B 135 -10.91 -12.90 -15.02
CA VAL B 135 -9.71 -13.70 -15.02
C VAL B 135 -9.87 -14.93 -14.14
N GLU B 136 -8.97 -15.90 -14.30
CA GLU B 136 -9.01 -17.10 -13.46
C GLU B 136 -8.19 -16.74 -12.24
N VAL B 137 -8.72 -17.02 -11.05
CA VAL B 137 -8.04 -16.68 -9.80
C VAL B 137 -7.55 -17.91 -9.04
N PHE B 138 -6.33 -17.82 -8.52
CA PHE B 138 -5.76 -18.90 -7.75
C PHE B 138 -5.06 -18.36 -6.51
N ARG B 139 -5.36 -18.96 -5.36
CA ARG B 139 -4.74 -18.57 -4.11
C ARG B 139 -3.35 -19.21 -4.17
N GLN B 140 -2.33 -18.40 -3.96
CA GLN B 140 -0.97 -18.90 -4.05
C GLN B 140 -0.03 -18.14 -3.12
N THR B 141 1.22 -18.60 -3.07
CA THR B 141 2.25 -17.95 -2.30
C THR B 141 3.49 -18.04 -3.17
N ILE B 142 4.24 -16.94 -3.27
CA ILE B 142 5.45 -16.94 -4.06
C ILE B 142 6.62 -17.08 -3.09
N SER B 143 7.29 -18.22 -3.14
CA SER B 143 8.43 -18.48 -2.26
C SER B 143 8.02 -18.28 -0.81
N GLY B 144 6.80 -18.69 -0.48
CA GLY B 144 6.31 -18.57 0.88
C GLY B 144 5.58 -17.29 1.25
N ASN B 145 5.83 -16.20 0.54
CA ASN B 145 5.18 -14.93 0.85
C ASN B 145 3.72 -14.95 0.45
N ILE B 146 2.87 -14.39 1.31
CA ILE B 146 1.44 -14.33 1.05
C ILE B 146 1.11 -13.07 0.24
N LEU B 147 2.01 -12.10 0.27
CA LEU B 147 1.79 -10.85 -0.47
C LEU B 147 2.23 -11.04 -1.91
N VAL B 148 1.47 -11.85 -2.65
CA VAL B 148 1.78 -12.16 -4.03
C VAL B 148 2.00 -10.95 -4.94
N GLY B 149 1.15 -9.93 -4.83
CA GLY B 149 1.30 -8.77 -5.68
C GLY B 149 2.57 -7.98 -5.40
N SER B 150 3.21 -8.29 -4.30
CA SER B 150 4.42 -7.60 -3.89
C SER B 150 5.69 -8.34 -4.31
N TYR B 151 5.56 -9.63 -4.57
CA TYR B 151 6.72 -10.42 -4.96
C TYR B 151 6.59 -11.04 -6.34
N CYS B 152 5.83 -10.37 -7.21
CA CYS B 152 5.66 -10.87 -8.56
C CYS B 152 5.23 -9.77 -9.51
N SER B 153 6.01 -9.59 -10.58
CA SER B 153 5.69 -8.59 -11.58
C SER B 153 5.24 -9.44 -12.77
N LEU B 154 4.06 -9.12 -13.32
CA LEU B 154 3.51 -9.93 -14.39
C LEU B 154 2.87 -9.20 -15.56
N SER B 155 3.09 -9.74 -16.75
CA SER B 155 2.48 -9.19 -17.96
C SER B 155 1.97 -10.41 -18.69
N ASN B 156 1.53 -10.25 -19.93
CA ASN B 156 1.04 -11.39 -20.69
C ASN B 156 2.19 -12.05 -21.45
N GLN B 157 3.37 -11.46 -21.33
CA GLN B 157 4.56 -11.95 -22.01
C GLN B 157 5.43 -12.85 -21.15
N GLY B 158 5.59 -12.46 -19.90
CA GLY B 158 6.42 -13.20 -18.97
C GLY B 158 6.19 -12.69 -17.56
N GLY B 159 7.05 -13.09 -16.64
CA GLY B 159 6.91 -12.67 -15.27
C GLY B 159 8.20 -12.83 -14.50
N LEU B 160 8.32 -12.09 -13.40
CA LEU B 160 9.50 -12.15 -12.55
C LEU B 160 9.02 -12.40 -11.12
N VAL B 161 9.65 -13.35 -10.44
CA VAL B 161 9.27 -13.67 -9.07
C VAL B 161 10.44 -13.61 -8.10
N HIS B 162 10.11 -13.68 -6.82
CA HIS B 162 11.06 -13.64 -5.73
C HIS B 162 12.29 -14.48 -6.14
N PRO B 163 13.49 -13.92 -5.97
CA PRO B 163 14.74 -14.60 -6.33
C PRO B 163 14.99 -15.96 -5.70
N GLN B 164 14.30 -16.24 -4.60
CA GLN B 164 14.50 -17.54 -3.95
C GLN B 164 13.46 -18.58 -4.32
N THR B 165 12.50 -18.20 -5.17
CA THR B 165 11.48 -19.13 -5.60
C THR B 165 12.19 -20.34 -6.20
N SER B 166 11.83 -21.53 -5.76
CA SER B 166 12.46 -22.74 -6.26
C SER B 166 12.12 -22.90 -7.74
N VAL B 167 12.91 -23.69 -8.44
CA VAL B 167 12.68 -23.93 -9.85
C VAL B 167 11.38 -24.67 -10.02
N GLN B 168 11.03 -25.48 -9.02
CA GLN B 168 9.81 -26.26 -9.08
C GLN B 168 8.58 -25.38 -9.04
N ASP B 169 8.63 -24.31 -8.25
CA ASP B 169 7.49 -23.41 -8.15
C ASP B 169 7.44 -22.56 -9.42
N GLN B 170 8.62 -22.24 -9.94
CA GLN B 170 8.73 -21.44 -11.13
C GLN B 170 8.10 -22.16 -12.30
N GLU B 171 8.37 -23.47 -12.38
CA GLU B 171 7.83 -24.28 -13.47
C GLU B 171 6.32 -24.40 -13.36
N GLU B 172 5.85 -24.60 -12.13
CA GLU B 172 4.43 -24.76 -11.84
C GLU B 172 3.71 -23.44 -12.05
N LEU B 173 4.32 -22.36 -11.58
CA LEU B 173 3.73 -21.03 -11.74
C LEU B 173 3.70 -20.62 -13.21
N SER B 174 4.75 -20.96 -13.96
CA SER B 174 4.78 -20.65 -15.38
C SER B 174 3.53 -21.26 -16.01
N SER B 175 3.31 -22.54 -15.76
CA SER B 175 2.16 -23.26 -16.31
C SER B 175 0.86 -22.62 -15.88
N LEU B 176 0.78 -22.29 -14.59
CA LEU B 176 -0.42 -21.69 -14.04
C LEU B 176 -0.75 -20.32 -14.63
N LEU B 177 0.28 -19.50 -14.82
CA LEU B 177 0.08 -18.15 -15.36
C LEU B 177 0.17 -18.11 -16.89
N GLN B 178 0.60 -19.21 -17.49
CA GLN B 178 0.71 -19.30 -18.94
C GLN B 178 1.74 -18.35 -19.53
N VAL B 179 2.80 -18.08 -18.78
CA VAL B 179 3.89 -17.22 -19.24
C VAL B 179 5.18 -17.68 -18.60
N PRO B 180 6.31 -17.41 -19.27
CA PRO B 180 7.61 -17.82 -18.72
C PRO B 180 7.89 -17.03 -17.44
N LEU B 181 8.24 -17.72 -16.37
CA LEU B 181 8.57 -17.07 -15.10
C LEU B 181 10.02 -17.34 -14.73
N VAL B 182 10.68 -16.33 -14.19
CA VAL B 182 12.07 -16.48 -13.78
C VAL B 182 12.29 -15.73 -12.46
N ALA B 183 13.01 -16.35 -11.54
CA ALA B 183 13.31 -15.71 -10.27
C ALA B 183 14.34 -14.64 -10.58
N GLY B 184 14.18 -13.48 -9.95
CA GLY B 184 15.12 -12.40 -10.19
C GLY B 184 14.96 -11.26 -9.20
N THR B 185 15.77 -10.23 -9.38
CA THR B 185 15.71 -9.07 -8.50
C THR B 185 15.60 -7.81 -9.32
N VAL B 186 15.20 -6.73 -8.66
CA VAL B 186 15.05 -5.46 -9.32
C VAL B 186 15.68 -4.41 -8.42
N ASN B 187 15.90 -3.21 -8.95
CA ASN B 187 16.50 -2.09 -8.22
C ASN B 187 17.71 -2.44 -7.38
N ARG B 188 18.64 -3.17 -7.99
CA ARG B 188 19.88 -3.58 -7.35
C ARG B 188 19.76 -4.48 -6.13
N GLY B 189 19.20 -5.68 -6.32
CA GLY B 189 19.10 -6.60 -5.21
C GLY B 189 17.77 -6.78 -4.54
N SER B 190 16.83 -5.86 -4.74
CA SER B 190 15.52 -5.99 -4.12
C SER B 190 14.77 -7.21 -4.62
N SER B 191 14.15 -7.94 -3.70
CA SER B 191 13.41 -9.13 -4.06
C SER B 191 11.92 -8.81 -4.16
N VAL B 192 11.59 -7.55 -3.95
CA VAL B 192 10.20 -7.06 -4.02
C VAL B 192 9.97 -6.56 -5.45
N VAL B 193 10.07 -7.48 -6.40
CA VAL B 193 9.91 -7.16 -7.81
C VAL B 193 8.53 -6.61 -8.14
N GLY B 194 7.54 -6.95 -7.32
CA GLY B 194 6.19 -6.45 -7.55
C GLY B 194 6.05 -4.95 -7.31
N ALA B 195 6.74 -4.45 -6.30
CA ALA B 195 6.65 -3.02 -5.99
C ALA B 195 7.73 -2.18 -6.65
N GLY B 196 8.82 -2.82 -7.06
CA GLY B 196 9.92 -2.10 -7.67
C GLY B 196 9.80 -1.71 -9.13
N MET B 197 8.80 -2.22 -9.82
CA MET B 197 8.65 -1.91 -11.23
C MET B 197 7.22 -2.12 -11.68
N VAL B 198 6.84 -1.47 -12.77
CA VAL B 198 5.52 -1.63 -13.36
C VAL B 198 5.80 -2.15 -14.76
N VAL B 199 4.87 -2.89 -15.34
CA VAL B 199 5.11 -3.43 -16.66
C VAL B 199 3.85 -3.90 -17.35
N ASN B 200 3.85 -3.80 -18.67
CA ASN B 200 2.75 -4.29 -19.49
C ASN B 200 3.38 -4.92 -20.73
N ASP B 201 2.56 -5.26 -21.73
CA ASP B 201 3.09 -5.94 -22.90
C ASP B 201 4.10 -5.19 -23.76
N TYR B 202 4.14 -3.86 -23.65
CA TYR B 202 5.06 -3.10 -24.48
C TYR B 202 6.05 -2.18 -23.77
N LEU B 203 5.90 -2.05 -22.46
CA LEU B 203 6.78 -1.14 -21.72
C LEU B 203 6.98 -1.59 -20.28
N ALA B 204 8.19 -1.37 -19.78
CA ALA B 204 8.51 -1.73 -18.41
C ALA B 204 9.24 -0.55 -17.80
N VAL B 205 8.75 -0.07 -16.67
CA VAL B 205 9.39 1.04 -15.99
C VAL B 205 9.87 0.56 -14.64
N THR B 206 11.18 0.69 -14.40
CA THR B 206 11.77 0.29 -13.14
C THR B 206 12.58 1.46 -12.55
N GLY B 207 13.22 1.24 -11.41
CA GLY B 207 13.99 2.31 -10.78
C GLY B 207 15.39 2.49 -11.31
N LEU B 208 15.89 3.72 -11.24
CA LEU B 208 17.23 4.07 -11.71
C LEU B 208 18.34 3.16 -11.21
N ASP B 209 18.14 2.53 -10.06
CA ASP B 209 19.18 1.66 -9.51
C ASP B 209 19.24 0.23 -10.08
N THR B 210 18.30 -0.14 -10.94
CA THR B 210 18.30 -1.48 -11.51
C THR B 210 19.62 -1.68 -12.28
N THR B 211 20.38 -2.71 -11.93
CA THR B 211 21.66 -2.97 -12.58
C THR B 211 21.49 -3.33 -14.05
N ALA B 212 22.61 -3.54 -14.74
CA ALA B 212 22.60 -3.89 -16.15
C ALA B 212 22.05 -5.30 -16.28
N PRO B 213 22.56 -6.23 -15.46
CA PRO B 213 22.06 -7.62 -15.52
C PRO B 213 20.57 -7.71 -15.25
N GLU B 214 20.09 -6.97 -14.25
CA GLU B 214 18.68 -6.96 -13.88
C GLU B 214 17.82 -6.40 -15.00
N LEU B 215 18.30 -5.39 -15.69
CA LEU B 215 17.52 -4.80 -16.77
C LEU B 215 17.53 -5.76 -17.96
N SER B 216 18.61 -6.53 -18.09
CA SER B 216 18.71 -7.48 -19.19
C SER B 216 17.66 -8.58 -19.04
N VAL B 217 17.50 -9.08 -17.82
CA VAL B 217 16.53 -10.13 -17.51
C VAL B 217 15.12 -9.59 -17.75
N ILE B 218 14.90 -8.33 -17.41
CA ILE B 218 13.59 -7.71 -17.59
C ILE B 218 13.17 -7.60 -19.07
N GLU B 219 14.01 -6.97 -19.90
CA GLU B 219 13.67 -6.82 -21.31
C GLU B 219 13.70 -8.16 -22.05
N SER B 220 14.29 -9.14 -21.41
CA SER B 220 14.38 -10.47 -21.99
C SER B 220 13.13 -11.30 -21.66
N ILE B 221 12.74 -11.33 -20.39
CA ILE B 221 11.58 -12.11 -19.97
C ILE B 221 10.24 -11.45 -20.33
N PHE B 222 10.20 -10.13 -20.33
CA PHE B 222 8.96 -9.44 -20.68
C PHE B 222 8.93 -9.19 -22.19
N ARG B 223 10.00 -9.62 -22.86
CA ARG B 223 10.14 -9.50 -24.29
C ARG B 223 9.95 -8.06 -24.76
N LEU B 224 10.87 -7.20 -24.35
CA LEU B 224 10.82 -5.78 -24.68
C LEU B 224 11.95 -5.37 -25.63
N ALA C 1 13.45 15.47 5.38
CA ALA C 1 12.84 14.35 4.63
C ALA C 1 11.68 14.85 3.83
N GLN C 2 10.94 13.92 3.20
CA GLN C 2 9.80 14.32 2.43
C GLN C 2 8.75 14.74 3.40
N GLY C 3 7.91 15.71 3.00
CA GLY C 3 6.91 16.18 3.91
C GLY C 3 6.02 15.02 4.23
N THR C 4 5.65 14.91 5.51
CA THR C 4 4.78 13.88 5.99
C THR C 4 3.42 14.12 5.43
N LYS C 5 3.08 15.41 5.30
CA LYS C 5 1.82 15.92 4.85
C LYS C 5 0.80 15.98 5.94
N PHE C 6 1.19 15.74 7.21
CA PHE C 6 0.26 15.89 8.29
C PHE C 6 1.03 16.38 9.49
N ARG C 7 0.33 16.99 10.47
CA ARG C 7 1.03 17.57 11.59
C ARG C 7 1.09 16.58 12.70
N ILE C 8 2.26 16.44 13.33
CA ILE C 8 2.33 15.43 14.35
C ILE C 8 2.92 15.97 15.61
N SER C 9 2.33 15.54 16.75
CA SER C 9 2.86 15.90 18.02
C SER C 9 3.55 14.67 18.50
N LEU C 10 4.85 14.76 18.78
CA LEU C 10 5.64 13.61 19.12
C LEU C 10 5.12 13.02 20.39
N GLY C 11 4.67 11.76 20.29
CA GLY C 11 4.18 10.92 21.36
C GLY C 11 5.25 10.28 22.19
N LEU C 12 6.47 10.06 21.62
CA LEU C 12 7.43 9.25 22.34
C LEU C 12 8.74 9.95 22.56
N PRO C 13 9.33 9.62 23.69
CA PRO C 13 10.65 10.11 24.02
C PRO C 13 11.68 9.03 23.92
N VAL C 14 12.98 9.39 24.07
CA VAL C 14 13.97 8.35 24.09
C VAL C 14 13.74 7.60 25.36
N GLY C 15 13.83 6.26 25.29
CA GLY C 15 13.64 5.45 26.45
C GLY C 15 12.26 4.89 26.45
N ALA C 16 11.40 5.37 25.54
CA ALA C 16 10.06 4.87 25.52
C ALA C 16 10.10 3.44 25.06
N ILE C 17 9.13 2.63 25.52
CA ILE C 17 9.07 1.25 25.15
C ILE C 17 7.89 1.11 24.24
N MET C 18 8.08 0.50 23.07
CA MET C 18 6.96 0.42 22.15
C MET C 18 6.88 -0.95 21.54
N ASN C 19 5.71 -1.23 20.92
CA ASN C 19 5.45 -2.50 20.32
C ASN C 19 6.11 -2.57 18.98
N CYS C 20 6.57 -3.79 18.62
CA CYS C 20 7.19 -4.01 17.34
C CYS C 20 6.16 -4.69 16.49
N ALA C 21 5.71 -3.94 15.48
CA ALA C 21 4.68 -4.13 14.49
C ALA C 21 4.94 -5.23 13.51
N ASP C 22 6.07 -5.95 13.56
CA ASP C 22 6.30 -6.94 12.53
C ASP C 22 6.49 -8.34 13.08
N ASN C 23 6.97 -9.25 12.20
CA ASN C 23 7.23 -10.62 12.57
C ASN C 23 8.70 -10.86 12.52
N SER C 24 9.51 -9.89 12.97
CA SER C 24 10.94 -10.02 12.98
C SER C 24 11.37 -10.90 14.12
N GLY C 25 10.52 -11.01 15.16
CA GLY C 25 10.90 -11.78 16.31
C GLY C 25 11.12 -10.86 17.47
N ALA C 26 11.04 -9.53 17.27
CA ALA C 26 11.20 -8.62 18.37
C ALA C 26 9.85 -8.20 18.84
N ARG C 27 9.53 -8.46 20.14
CA ARG C 27 8.29 -8.05 20.74
C ARG C 27 8.23 -6.59 21.08
N ASN C 28 9.23 -6.09 21.84
CA ASN C 28 9.12 -4.72 22.26
C ASN C 28 10.41 -4.03 22.06
N LEU C 29 10.34 -2.72 21.71
CA LEU C 29 11.48 -1.95 21.36
C LEU C 29 11.61 -0.78 22.28
N TYR C 30 12.86 -0.29 22.46
CA TYR C 30 13.19 0.81 23.32
C TYR C 30 13.76 1.86 22.43
N ILE C 31 13.29 3.13 22.50
CA ILE C 31 13.85 4.04 21.54
C ILE C 31 15.04 4.72 22.10
N ILE C 32 16.18 4.50 21.41
CA ILE C 32 17.44 5.10 21.74
C ILE C 32 17.60 6.49 21.22
N ALA C 33 17.25 6.73 19.92
CA ALA C 33 17.47 8.04 19.37
C ALA C 33 16.61 8.21 18.15
N VAL C 34 16.45 9.47 17.68
CA VAL C 34 15.67 9.71 16.50
C VAL C 34 16.55 10.28 15.45
N LYS C 35 16.67 9.47 14.38
CA LYS C 35 17.70 9.69 13.44
C LYS C 35 17.16 10.29 12.19
N GLY C 36 16.14 9.67 11.57
CA GLY C 36 15.62 10.22 10.35
C GLY C 36 14.51 11.17 10.67
N SER C 37 14.92 12.37 11.11
CA SER C 37 14.15 13.50 11.48
C SER C 37 15.10 14.43 12.16
N GLY C 38 16.02 13.85 12.98
CA GLY C 38 16.94 14.60 13.77
C GLY C 38 16.29 14.63 15.10
N SER C 39 17.04 14.87 16.18
CA SER C 39 16.39 14.94 17.46
C SER C 39 15.60 16.21 17.47
N ARG C 40 14.26 16.06 17.55
CA ARG C 40 13.38 17.18 17.37
C ARG C 40 13.33 17.93 18.68
N LEU C 41 12.66 17.38 19.70
CA LEU C 41 12.84 18.02 20.97
C LEU C 41 14.21 17.56 21.32
N ASN C 42 15.10 18.44 21.80
CA ASN C 42 16.45 17.94 21.80
C ASN C 42 16.87 17.55 23.18
N ARG C 43 16.43 18.26 24.22
CA ARG C 43 16.90 17.92 25.56
C ARG C 43 16.38 16.59 26.02
N LEU C 44 15.11 16.30 25.70
CA LEU C 44 14.52 15.00 25.91
C LEU C 44 14.16 14.67 24.50
N PRO C 45 14.80 13.73 23.84
CA PRO C 45 14.57 13.65 22.43
C PRO C 45 13.24 13.02 22.19
N ALA C 46 12.45 13.55 21.24
CA ALA C 46 11.12 13.05 21.04
C ALA C 46 10.98 12.54 19.64
N ALA C 47 10.10 11.53 19.46
CA ALA C 47 9.85 10.95 18.17
C ALA C 47 8.38 10.72 18.04
N SER C 48 7.87 10.74 16.79
CA SER C 48 6.46 10.55 16.55
C SER C 48 6.31 9.83 15.26
N LEU C 49 5.06 9.74 14.77
CA LEU C 49 4.81 8.99 13.58
C LEU C 49 5.58 9.54 12.43
N GLY C 50 6.15 8.61 11.62
CA GLY C 50 6.86 8.98 10.44
C GLY C 50 8.34 9.11 10.70
N ASP C 51 8.76 9.22 11.97
CA ASP C 51 10.17 9.39 12.22
C ASP C 51 10.87 8.08 12.11
N MET C 52 12.16 8.12 11.77
CA MET C 52 12.96 6.92 11.74
C MET C 52 13.71 6.98 13.02
N VAL C 53 13.82 5.85 13.73
CA VAL C 53 14.40 5.84 15.05
C VAL C 53 15.35 4.70 15.19
N MET C 54 16.35 4.87 16.07
CA MET C 54 17.26 3.80 16.36
C MET C 54 16.69 3.16 17.58
N ALA C 55 16.70 1.81 17.63
CA ALA C 55 16.08 1.16 18.75
C ALA C 55 16.90 -0.01 19.19
N THR C 56 16.64 -0.47 20.44
CA THR C 56 17.27 -1.64 20.98
C THR C 56 16.14 -2.58 21.29
N VAL C 57 16.39 -3.90 21.21
CA VAL C 57 15.32 -4.85 21.40
C VAL C 57 15.26 -5.28 22.83
N LYS C 58 14.24 -4.80 23.56
CA LYS C 58 14.03 -5.14 24.94
C LYS C 58 13.49 -6.54 25.09
N LYS C 59 12.53 -6.93 24.25
CA LYS C 59 11.92 -8.21 24.42
C LYS C 59 11.76 -8.86 23.09
N GLY C 60 11.95 -10.20 23.04
CA GLY C 60 11.83 -10.91 21.79
C GLY C 60 12.67 -12.14 21.90
N LYS C 61 13.02 -12.73 20.73
CA LYS C 61 13.82 -13.92 20.71
C LYS C 61 15.21 -13.54 21.13
N PRO C 62 15.95 -14.49 21.62
CA PRO C 62 17.27 -14.21 22.07
C PRO C 62 18.15 -13.70 20.97
N GLU C 63 17.91 -14.12 19.72
CA GLU C 63 18.74 -13.64 18.65
C GLU C 63 18.53 -12.16 18.51
N LEU C 64 17.26 -11.73 18.53
CA LEU C 64 16.89 -10.35 18.36
C LEU C 64 17.30 -9.50 19.52
N ARG C 65 17.14 -10.03 20.75
CA ARG C 65 17.34 -9.28 21.96
C ARG C 65 18.66 -8.57 21.95
N LYS C 66 18.63 -7.31 22.44
CA LYS C 66 19.74 -6.40 22.59
C LYS C 66 20.37 -6.00 21.29
N LYS C 67 19.73 -6.31 20.16
CA LYS C 67 20.29 -5.86 18.92
C LYS C 67 19.91 -4.42 18.77
N VAL C 68 20.80 -3.59 18.19
CA VAL C 68 20.47 -2.21 17.99
C VAL C 68 20.11 -2.08 16.54
N MET C 69 18.86 -1.65 16.25
CA MET C 69 18.47 -1.58 14.86
C MET C 69 17.63 -0.35 14.62
N PRO C 70 17.52 -0.04 13.34
CA PRO C 70 16.69 1.07 12.92
C PRO C 70 15.25 0.67 12.81
N ALA C 71 14.32 1.64 12.90
CA ALA C 71 12.92 1.32 12.80
C ALA C 71 12.17 2.56 12.39
N ILE C 72 10.87 2.41 12.07
CA ILE C 72 10.06 3.53 11.67
C ILE C 72 8.81 3.50 12.51
N VAL C 73 8.38 4.68 13.04
CA VAL C 73 7.22 4.71 13.88
C VAL C 73 6.00 4.68 13.00
N VAL C 74 5.22 3.59 13.11
CA VAL C 74 3.99 3.35 12.40
C VAL C 74 2.76 3.89 13.08
N ARG C 75 2.69 3.86 14.43
CA ARG C 75 1.49 4.36 15.05
C ARG C 75 1.79 4.90 16.42
N GLN C 76 0.92 5.79 16.91
CA GLN C 76 1.16 6.42 18.18
C GLN C 76 -0.14 6.83 18.78
N ALA C 77 -0.19 6.87 20.13
CA ALA C 77 -1.36 7.24 20.90
C ALA C 77 -1.68 8.68 20.72
N LYS C 78 -0.66 9.56 20.70
CA LYS C 78 -0.96 10.97 20.61
C LYS C 78 -1.42 11.28 19.22
N SER C 79 -2.36 12.24 19.12
CA SER C 79 -3.05 12.57 17.90
C SER C 79 -2.16 13.23 16.90
N TRP C 80 -2.63 13.24 15.64
CA TRP C 80 -2.02 13.82 14.48
C TRP C 80 -3.04 14.77 13.95
N ARG C 81 -2.62 15.72 13.09
CA ARG C 81 -3.55 16.61 12.44
C ARG C 81 -3.50 16.37 10.97
N ARG C 82 -4.67 16.17 10.36
CA ARG C 82 -4.76 15.99 8.94
C ARG C 82 -5.00 17.35 8.35
N ARG C 83 -4.74 17.49 7.03
CA ARG C 83 -4.89 18.74 6.35
C ARG C 83 -6.31 19.17 6.47
N ASP C 84 -7.24 18.19 6.42
CA ASP C 84 -8.65 18.45 6.52
C ASP C 84 -8.96 18.98 7.88
N GLY C 85 -8.14 18.62 8.90
CA GLY C 85 -8.39 19.16 10.21
C GLY C 85 -8.75 18.07 11.17
N VAL C 86 -9.10 16.86 10.66
CA VAL C 86 -9.45 15.81 11.58
C VAL C 86 -8.20 15.32 12.23
N PHE C 87 -8.32 14.84 13.48
CA PHE C 87 -7.18 14.34 14.21
C PHE C 87 -7.32 12.84 14.23
N LEU C 88 -6.18 12.11 14.13
CA LEU C 88 -6.28 10.68 14.23
C LEU C 88 -5.34 10.18 15.28
N TYR C 89 -5.80 9.18 16.06
CA TYR C 89 -4.99 8.62 17.10
C TYR C 89 -5.13 7.13 17.01
N PHE C 90 -4.10 6.39 17.50
CA PHE C 90 -4.09 4.95 17.40
C PHE C 90 -4.21 4.37 18.77
N GLU C 91 -4.44 3.04 18.81
CA GLU C 91 -4.61 2.28 20.01
C GLU C 91 -3.33 2.27 20.79
N ASP C 92 -2.18 2.08 20.11
CA ASP C 92 -0.95 1.99 20.85
C ASP C 92 0.16 2.67 20.07
N ASN C 93 1.41 2.49 20.55
CA ASN C 93 2.55 3.04 19.89
C ASN C 93 3.30 1.89 19.30
N ALA C 94 3.67 1.97 18.01
CA ALA C 94 4.37 0.84 17.44
C ALA C 94 5.30 1.29 16.35
N GLY C 95 6.31 0.45 16.05
CA GLY C 95 7.28 0.73 15.03
C GLY C 95 7.63 -0.55 14.34
N VAL C 96 8.22 -0.44 13.12
CA VAL C 96 8.61 -1.58 12.34
C VAL C 96 10.08 -1.52 12.09
N ILE C 97 10.79 -2.66 12.27
CA ILE C 97 12.21 -2.68 12.07
C ILE C 97 12.49 -2.57 10.60
N ALA C 98 13.45 -1.68 10.23
CA ALA C 98 13.80 -1.45 8.85
C ALA C 98 15.30 -1.49 8.71
N ASN C 99 15.80 -1.66 7.46
CA ASN C 99 17.22 -1.76 7.21
C ASN C 99 17.71 -0.44 6.65
N PRO C 100 19.55 -1.45 7.22
CA PRO C 100 20.30 -0.19 6.91
C PRO C 100 20.04 0.95 5.32
N LYS C 101 20.19 0.14 4.06
CA LYS C 101 19.46 0.44 2.82
C LYS C 101 18.00 1.13 3.29
N GLY C 102 16.77 0.62 3.69
CA GLY C 102 15.60 1.41 4.29
C GLY C 102 14.24 0.70 4.09
N GLU C 103 14.37 -0.46 3.44
CA GLU C 103 13.53 -1.53 3.11
C GLU C 103 12.94 -2.07 4.52
N MET C 104 11.83 -2.63 4.41
CA MET C 104 11.34 -3.72 5.20
C MET C 104 11.71 -4.89 4.33
N LYS C 105 11.62 -5.90 5.14
CA LYS C 105 11.40 -7.03 4.57
C LYS C 105 10.33 -6.78 3.63
N GLY C 106 9.26 -6.70 4.38
CA GLY C 106 8.14 -6.00 4.28
C GLY C 106 7.37 -7.21 4.02
N SER C 107 7.29 -8.05 5.07
CA SER C 107 6.44 -9.26 5.11
C SER C 107 5.04 -8.65 4.97
N ALA C 108 4.58 -7.80 5.99
CA ALA C 108 3.16 -7.43 6.42
C ALA C 108 3.27 -6.35 7.39
N ILE C 109 2.50 -5.16 7.37
CA ILE C 109 1.92 -4.88 8.53
C ILE C 109 0.45 -4.94 8.93
N THR C 110 1.47 -5.86 9.73
CA THR C 110 0.21 -6.14 10.35
C THR C 110 -0.41 -4.85 10.77
N GLY C 111 -1.72 -4.69 10.47
CA GLY C 111 -2.41 -3.50 10.87
C GLY C 111 -2.22 -2.45 9.82
N PRO C 112 -2.91 -1.35 10.01
CA PRO C 112 -2.87 -0.24 9.10
C PRO C 112 -1.64 0.60 9.29
N VAL C 113 -1.29 1.40 8.27
CA VAL C 113 -0.17 2.29 8.32
C VAL C 113 -0.64 3.64 7.88
N GLY C 114 0.06 4.71 8.30
CA GLY C 114 -0.33 6.04 7.89
C GLY C 114 0.18 6.30 6.51
N LYS C 115 -0.63 7.01 5.69
CA LYS C 115 -0.27 7.29 4.34
C LYS C 115 0.99 8.09 4.35
N GLU C 116 1.14 8.96 5.36
CA GLU C 116 2.29 9.80 5.48
C GLU C 116 3.50 8.94 5.53
N CYS C 117 3.48 7.87 6.35
CA CYS C 117 4.65 7.04 6.50
C CYS C 117 4.94 6.29 5.24
N ALA C 118 3.89 5.75 4.60
CA ALA C 118 4.08 4.92 3.43
C ALA C 118 4.79 5.74 2.41
N ASP C 119 4.42 7.03 2.29
CA ASP C 119 5.01 7.88 1.29
C ASP C 119 6.47 8.03 1.54
N LEU C 120 6.89 8.23 2.81
CA LEU C 120 8.28 8.42 3.09
C LEU C 120 9.06 7.17 2.85
N TRP C 121 8.55 5.99 3.27
CA TRP C 121 9.31 4.80 3.03
C TRP C 121 8.48 3.90 2.15
N PRO C 122 8.61 4.09 0.87
CA PRO C 122 7.82 3.38 -0.10
C PRO C 122 7.90 1.88 0.04
N ARG C 123 9.09 1.36 0.34
CA ARG C 123 9.29 -0.06 0.45
C ARG C 123 8.46 -0.57 1.57
N VAL C 124 8.38 0.20 2.68
CA VAL C 124 7.56 -0.29 3.76
C VAL C 124 6.14 -0.25 3.31
N ALA C 125 5.76 0.77 2.53
CA ALA C 125 4.42 0.90 2.03
C ALA C 125 4.10 -0.25 1.16
N SER C 126 5.09 -0.69 0.35
CA SER C 126 4.91 -1.73 -0.62
C SER C 126 4.55 -3.02 0.05
N ASN C 127 4.47 -3.03 1.39
CA ASN C 127 4.10 -4.28 2.01
C ASN C 127 2.94 -4.07 2.93
N SER C 128 2.29 -2.90 2.91
CA SER C 128 1.20 -2.67 3.80
C SER C 128 -0.08 -3.16 3.18
N GLY C 129 -0.94 -3.79 4.02
CA GLY C 129 -2.24 -4.22 3.58
C GLY C 129 -3.12 -3.02 3.41
N VAL C 130 -3.13 -2.11 4.40
CA VAL C 130 -3.99 -0.98 4.31
C VAL C 130 -3.25 0.25 4.72
N VAL C 131 -3.59 1.39 4.09
CA VAL C 131 -2.95 2.60 4.50
C VAL C 131 -4.02 3.61 4.76
N VAL C 132 -4.02 4.18 5.98
CA VAL C 132 -5.03 5.14 6.32
C VAL C 132 -4.33 6.49 6.47
N MET D 1 -20.36 11.23 -3.27
CA MET D 1 -19.19 11.78 -2.56
C MET D 1 -19.43 13.22 -2.23
N LYS D 2 -20.07 13.95 -3.15
CA LYS D 2 -20.33 15.34 -2.93
C LYS D 2 -21.22 15.44 -1.74
N VAL D 3 -22.21 14.53 -1.63
CA VAL D 3 -23.08 14.55 -0.50
C VAL D 3 -22.59 13.51 0.45
N GLU D 4 -22.74 13.77 1.76
CA GLU D 4 -22.24 12.81 2.70
C GLU D 4 -23.37 12.40 3.60
N ILE D 5 -23.49 11.08 3.84
CA ILE D 5 -24.51 10.55 4.69
C ILE D 5 -23.84 9.90 5.86
N ASP D 6 -24.44 10.04 7.06
CA ASP D 6 -23.86 9.45 8.23
C ASP D 6 -24.06 7.97 8.11
N SER D 7 -22.97 7.20 8.24
CA SER D 7 -23.00 5.78 8.09
C SER D 7 -23.75 5.21 9.25
N PHE D 8 -24.19 6.07 10.20
CA PHE D 8 -24.84 5.58 11.37
C PHE D 8 -26.30 5.89 11.28
N SER D 9 -26.68 7.13 11.64
CA SER D 9 -28.06 7.57 11.67
C SER D 9 -28.62 7.69 10.29
N GLY D 10 -27.82 8.13 9.30
CA GLY D 10 -28.34 8.25 7.98
C GLY D 10 -28.56 9.70 7.64
N ALA D 11 -28.51 10.60 8.63
CA ALA D 11 -28.74 11.99 8.36
C ALA D 11 -27.58 12.52 7.57
N LYS D 12 -27.80 13.66 6.88
CA LYS D 12 -26.79 14.26 6.06
C LYS D 12 -25.77 14.90 6.96
N ILE D 13 -24.49 14.88 6.55
CA ILE D 13 -23.48 15.46 7.39
C ILE D 13 -23.03 16.73 6.75
N TYR D 14 -23.04 17.83 7.55
CA TYR D 14 -22.62 19.09 7.01
C TYR D 14 -21.20 18.93 6.61
N PRO D 15 -20.88 19.43 5.44
CA PRO D 15 -19.55 19.30 4.95
C PRO D 15 -18.58 20.08 5.77
N GLY D 16 -17.31 19.62 5.83
CA GLY D 16 -16.30 20.30 6.56
C GLY D 16 -16.33 19.83 7.97
N ARG D 17 -17.17 18.83 8.31
CA ARG D 17 -17.17 18.40 9.67
C ARG D 17 -17.46 16.94 9.76
N GLY D 18 -17.58 16.41 11.00
CA GLY D 18 -17.83 15.02 11.21
C GLY D 18 -16.51 14.34 11.38
N THR D 19 -16.56 13.04 11.74
CA THR D 19 -15.36 12.29 11.99
C THR D 19 -15.42 11.02 11.19
N LEU D 20 -14.24 10.48 10.84
CA LEU D 20 -14.17 9.27 10.08
C LEU D 20 -13.47 8.26 10.92
N PHE D 21 -14.05 7.05 11.05
CA PHE D 21 -13.45 6.02 11.86
C PHE D 21 -12.81 5.05 10.93
N VAL D 22 -11.58 4.61 11.26
CA VAL D 22 -10.88 3.66 10.44
C VAL D 22 -10.97 2.34 11.12
N ARG D 23 -11.51 1.34 10.40
CA ARG D 23 -11.75 0.02 10.92
C ARG D 23 -10.49 -0.75 11.20
N GLY D 24 -9.39 -0.57 10.46
CA GLY D 24 -8.22 -1.34 10.75
C GLY D 24 -8.14 -2.37 9.67
N ASP D 25 -9.31 -2.84 9.20
CA ASP D 25 -9.30 -3.70 8.06
C ASP D 25 -9.65 -2.76 6.96
N SER D 26 -9.39 -1.46 7.23
CA SER D 26 -9.61 -0.36 6.32
C SER D 26 -11.06 -0.14 6.02
N LYS D 27 -11.98 -0.55 6.92
CA LYS D 27 -13.35 -0.23 6.63
C LYS D 27 -13.53 1.19 7.08
N ILE D 28 -14.57 1.89 6.59
CA ILE D 28 -14.70 3.27 6.97
C ILE D 28 -16.07 3.56 7.49
N PHE D 29 -16.14 4.29 8.61
CA PHE D 29 -17.41 4.72 9.09
C PHE D 29 -17.37 6.20 9.23
N ARG D 30 -18.30 6.90 8.55
CA ARG D 30 -18.32 8.34 8.66
C ARG D 30 -19.38 8.68 9.65
N PHE D 31 -19.02 9.40 10.73
CA PHE D 31 -19.96 9.77 11.75
C PHE D 31 -20.19 11.26 11.67
N GLN D 32 -21.46 11.67 11.77
CA GLN D 32 -21.87 13.05 11.77
C GLN D 32 -21.48 13.71 13.06
N ASN D 33 -21.63 13.01 14.21
CA ASN D 33 -21.24 13.68 15.42
C ASN D 33 -20.93 12.65 16.46
N SER D 34 -20.58 13.14 17.67
CA SER D 34 -20.20 12.32 18.78
C SER D 34 -21.34 11.49 19.26
N LYS D 35 -22.58 12.01 19.21
CA LYS D 35 -23.66 11.26 19.77
C LYS D 35 -23.79 9.95 19.05
N SER D 36 -23.66 9.99 17.71
CA SER D 36 -23.77 8.78 16.94
C SER D 36 -22.65 7.87 17.31
N ALA D 37 -21.42 8.40 17.37
CA ALA D 37 -20.28 7.58 17.66
C ALA D 37 -20.49 6.96 19.01
N SER D 38 -21.01 7.74 19.97
CA SER D 38 -21.19 7.24 21.31
C SER D 38 -22.12 6.06 21.27
N LEU D 39 -23.22 6.16 20.49
CA LEU D 39 -24.18 5.08 20.43
C LEU D 39 -23.50 3.87 19.86
N PHE D 40 -22.68 4.07 18.82
CA PHE D 40 -22.04 2.97 18.14
C PHE D 40 -21.12 2.30 19.10
N LYS D 41 -20.40 3.08 19.92
CA LYS D 41 -19.47 2.55 20.88
C LYS D 41 -20.24 1.69 21.83
N GLN D 42 -21.49 2.09 22.10
CA GLN D 42 -22.44 1.43 22.95
C GLN D 42 -22.72 0.09 22.35
N ARG D 43 -22.52 -0.04 21.03
CA ARG D 43 -22.78 -1.27 20.33
C ARG D 43 -24.25 -1.42 20.09
N LYS D 44 -24.94 -0.26 19.94
CA LYS D 44 -26.32 -0.25 19.57
C LYS D 44 -26.37 -0.17 18.08
N ASN D 45 -27.48 -0.61 17.47
CA ASN D 45 -27.56 -0.52 16.03
C ASN D 45 -28.56 0.54 15.71
N PRO D 46 -28.22 1.36 14.75
CA PRO D 46 -29.02 2.48 14.37
C PRO D 46 -30.44 2.11 14.05
N ARG D 47 -30.69 0.89 13.52
CA ARG D 47 -32.03 0.54 13.15
C ARG D 47 -32.88 0.50 14.39
N ARG D 48 -32.30 0.07 15.52
CA ARG D 48 -33.01 -0.09 16.76
C ARG D 48 -33.48 1.23 17.29
N ILE D 49 -32.71 2.32 17.02
CA ILE D 49 -33.04 3.61 17.56
C ILE D 49 -34.04 4.31 16.69
N ALA D 50 -35.19 4.67 17.30
CA ALA D 50 -36.30 5.27 16.62
C ALA D 50 -35.92 6.60 16.04
N TRP D 51 -35.15 7.41 16.77
CA TRP D 51 -34.87 8.74 16.31
C TRP D 51 -34.06 8.72 15.06
N THR D 52 -33.24 7.68 14.86
CA THR D 52 -32.40 7.66 13.71
C THR D 52 -33.22 7.61 12.46
N VAL D 53 -32.69 8.24 11.40
CA VAL D 53 -33.30 8.28 10.11
C VAL D 53 -33.34 6.89 9.56
N LEU D 54 -32.28 6.11 9.83
CA LEU D 54 -32.17 4.80 9.28
C LEU D 54 -33.37 4.04 9.75
N PHE D 55 -33.68 4.11 11.06
CA PHE D 55 -34.80 3.41 11.59
C PHE D 55 -36.06 3.93 10.99
N ARG D 56 -36.23 5.26 10.97
CA ARG D 56 -37.48 5.80 10.56
C ARG D 56 -37.63 5.65 9.09
#